data_3BLP
#
_entry.id   3BLP
#
_cell.length_a   52.085
_cell.length_b   74.873
_cell.length_c   134.690
_cell.angle_alpha   90.00
_cell.angle_beta   90.00
_cell.angle_gamma   90.00
#
_symmetry.space_group_name_H-M   'P 21 21 21'
#
loop_
_entity.id
_entity.type
_entity.pdbx_description
1 polymer 'Alpha-amylase 1'
2 branched 4-amino-4,6-dideoxy-alpha-D-glucopyranose-(1-4)-alpha-D-glucopyranose
3 non-polymer 'CALCIUM ION'
4 non-polymer 'CHLORIDE ION'
5 non-polymer 5-HYDROXYMETHYL-CHONDURITOL
6 water water
#
_entity_poly.entity_id   1
_entity_poly.type   'polypeptide(L)'
_entity_poly.pdbx_seq_one_letter_code
;(PCA)YSSNTQQGRTSIVHLFEWRWVDIALECERYLAPKGFGGVQVSPPNENVAIHNPFRPWWERYQPVSYKLCTRSGNE
DEFRNMVTRCNNVGVRIYVDAVINHMCGNAVSAGTSSTCGSYFNPGSRDFPAVPYSGWDFNDGKCKTGSGDIENYNDATQ
VRDCRLSGLLDLALGKDYVRSKIAEYMNHLIDIGVAGFRIDASKHMWPGDIKAILDKLHNLNSNWFPEGSKPFIYQEVID
LGGEPIKSSDYFGNGRVTEFKYGAKLGTVIRKWNGEKMSYLKNWGEGWGFMPSDRALVFVDNHDNQRGHGAGGASILTFW
DARLYKMAVGFMLAHPYGFTRVMSSYRWPRYFENGKDVNDWVGPPNDNGVTKEVTINPDTTCGNDWVCEHRARQIRNMVN
FRNVVDGQPFTNWYDNGSNQVAFGRGNRGFIVFNNDDWTFSLTLQTGLPAGTYCDVISGDKINGNCTGIKIYVSDDGKAH
FSISNSAEDPFIAIHAESKL
;
_entity_poly.pdbx_strand_id   X
#
loop_
_chem_comp.id
_chem_comp.type
_chem_comp.name
_chem_comp.formula
AGL D-saccharide, alpha linking 4-amino-4,6-dideoxy-alpha-D-glucopyranose 'C6 H13 N O4'
CA non-polymer 'CALCIUM ION' 'Ca 2'
CL non-polymer 'CHLORIDE ION' 'Cl -1'
GLC D-saccharide, alpha linking alpha-D-glucopyranose 'C6 H12 O6'
HMC non-polymer 5-HYDROXYMETHYL-CHONDURITOL 'C7 H12 O5'
#
# COMPACT_ATOMS: atom_id res chain seq x y z
N PCA A 1 5.63 2.11 17.49
CA PCA A 1 5.69 2.25 16.01
CB PCA A 1 7.15 2.11 15.57
CG PCA A 1 7.79 1.21 16.61
CD PCA A 1 6.94 1.56 17.81
OE PCA A 1 7.33 1.40 18.97
C PCA A 1 4.88 1.19 15.29
O PCA A 1 4.76 1.26 14.07
N TYR A 2 4.32 0.23 16.04
CA TYR A 2 3.62 -0.90 15.45
C TYR A 2 2.11 -0.68 15.33
N SER A 3 1.60 0.28 16.10
CA SER A 3 0.18 0.59 16.15
C SER A 3 -0.17 1.54 15.01
N SER A 4 -1.28 1.27 14.33
CA SER A 4 -1.64 2.05 13.16
C SER A 4 -2.12 3.48 13.49
N ASN A 5 -2.71 3.66 14.68
CA ASN A 5 -3.28 4.96 15.09
C ASN A 5 -4.57 5.31 14.35
N THR A 6 -5.21 4.29 13.75
CA THR A 6 -6.46 4.53 13.04
C THR A 6 -7.53 4.67 14.09
N GLN A 7 -8.66 5.27 13.70
CA GLN A 7 -9.86 5.27 14.53
C GLN A 7 -10.27 3.83 14.83
N GLN A 8 -10.75 3.61 16.05
CA GLN A 8 -11.28 2.30 16.48
C GLN A 8 -12.28 1.74 15.47
N GLY A 9 -12.14 0.48 15.10
CA GLY A 9 -13.04 -0.14 14.12
C GLY A 9 -12.73 0.14 12.65
N ARG A 10 -11.54 0.66 12.38
CA ARG A 10 -11.03 0.83 11.02
C ARG A 10 -9.67 0.15 10.84
N THR A 11 -9.54 -0.71 9.83
CA THR A 11 -8.45 -1.69 9.77
C THR A 11 -7.59 -1.72 8.49
N SER A 12 -7.84 -0.81 7.53
CA SER A 12 -7.04 -0.79 6.28
C SER A 12 -6.55 0.59 5.91
N ILE A 13 -5.51 0.63 5.10
CA ILE A 13 -5.06 1.87 4.45
C ILE A 13 -5.24 1.69 2.94
N VAL A 14 -5.51 2.77 2.22
CA VAL A 14 -5.52 2.78 0.75
C VAL A 14 -4.38 3.67 0.24
N HIS A 15 -3.62 3.18 -0.74
CA HIS A 15 -2.59 4.00 -1.37
C HIS A 15 -3.23 4.81 -2.49
N LEU A 16 -3.40 6.12 -2.27
CA LEU A 16 -3.92 7.00 -3.34
C LEU A 16 -2.73 7.53 -4.18
N PHE A 17 -2.21 6.65 -5.03
CA PHE A 17 -0.92 6.86 -5.72
C PHE A 17 -1.05 8.05 -6.66
N GLU A 18 -0.22 9.07 -6.41
CA GLU A 18 -0.09 10.28 -7.25
C GLU A 18 -1.29 11.20 -7.17
N TRP A 19 -2.28 10.88 -6.32
CA TRP A 19 -3.42 11.81 -6.18
C TRP A 19 -2.97 13.15 -5.62
N ARG A 20 -3.68 14.19 -6.04
CA ARG A 20 -3.48 15.54 -5.52
C ARG A 20 -4.09 15.68 -4.10
N TRP A 21 -3.49 16.56 -3.29
CA TRP A 21 -3.97 16.76 -1.90
C TRP A 21 -5.42 17.25 -1.80
N VAL A 22 -5.82 18.16 -2.68
CA VAL A 22 -7.23 18.61 -2.68
C VAL A 22 -8.21 17.47 -2.98
N ASP A 23 -7.82 16.52 -3.85
CA ASP A 23 -8.67 15.38 -4.16
C ASP A 23 -8.73 14.40 -2.99
N ILE A 24 -7.60 14.19 -2.30
CA ILE A 24 -7.60 13.28 -1.13
C ILE A 24 -8.51 13.84 -0.02
N ALA A 25 -8.39 15.14 0.25
CA ALA A 25 -9.24 15.80 1.27
C ALA A 25 -10.76 15.58 1.05
N LEU A 26 -11.23 15.82 -0.18
CA LEU A 26 -12.61 15.54 -0.55
C LEU A 26 -12.95 14.07 -0.39
N GLU A 27 -12.02 13.21 -0.82
CA GLU A 27 -12.26 11.77 -0.76
C GLU A 27 -12.43 11.28 0.67
N CYS A 28 -11.60 11.83 1.59
CA CYS A 28 -11.76 11.57 3.03
C CYS A 28 -13.19 11.84 3.50
N GLU A 29 -13.71 13.01 3.14
CA GLU A 29 -15.00 13.45 3.63
C GLU A 29 -16.17 12.73 2.96
N ARG A 30 -16.10 12.55 1.66
CA ARG A 30 -17.27 12.08 0.89
C ARG A 30 -17.36 10.56 0.80
N TYR A 31 -16.24 9.87 1.04
CA TYR A 31 -16.19 8.43 0.77
C TYR A 31 -15.41 7.59 1.81
N LEU A 32 -14.17 7.94 2.09
CA LEU A 32 -13.34 7.09 2.97
C LEU A 32 -13.86 7.03 4.41
N ALA A 33 -14.30 8.17 4.94
CA ALA A 33 -14.85 8.19 6.31
C ALA A 33 -16.14 7.36 6.42
N PRO A 34 -17.16 7.69 5.62
CA PRO A 34 -18.41 6.87 5.69
C PRO A 34 -18.25 5.38 5.31
N LYS A 35 -17.26 5.04 4.50
CA LYS A 35 -17.04 3.63 4.10
C LYS A 35 -16.06 2.90 5.04
N GLY A 36 -15.57 3.58 6.07
CA GLY A 36 -14.78 2.92 7.12
C GLY A 36 -13.33 2.63 6.78
N PHE A 37 -12.75 3.42 5.88
CA PHE A 37 -11.31 3.24 5.58
C PHE A 37 -10.49 3.82 6.72
N GLY A 38 -9.36 3.20 7.05
CA GLY A 38 -8.56 3.65 8.19
C GLY A 38 -7.69 4.86 7.86
N GLY A 39 -7.20 4.90 6.63
CA GLY A 39 -6.20 5.92 6.32
C GLY A 39 -5.72 5.82 4.89
N VAL A 40 -4.86 6.78 4.52
CA VAL A 40 -4.42 6.94 3.16
C VAL A 40 -2.89 7.04 3.15
N GLN A 41 -2.24 6.20 2.34
CA GLN A 41 -0.82 6.40 2.02
C GLN A 41 -0.75 7.39 0.87
N VAL A 42 -0.02 8.49 1.07
CA VAL A 42 0.18 9.51 0.04
C VAL A 42 1.55 9.39 -0.61
N SER A 43 1.64 9.85 -1.86
CA SER A 43 2.93 9.97 -2.57
C SER A 43 3.88 10.95 -1.84
N PRO A 44 5.22 10.83 -2.07
CA PRO A 44 6.15 11.69 -1.34
C PRO A 44 5.77 13.18 -1.43
N PRO A 45 5.61 13.84 -0.28
CA PRO A 45 5.18 15.24 -0.32
C PRO A 45 6.27 16.28 -0.45
N ASN A 46 7.50 15.83 -0.48
CA ASN A 46 8.66 16.73 -0.58
C ASN A 46 9.04 17.00 -2.03
N GLU A 47 9.68 18.15 -2.24
CA GLU A 47 10.15 18.58 -3.55
C GLU A 47 11.09 17.58 -4.25
N ASN A 48 10.83 17.33 -5.52
CA ASN A 48 11.57 16.35 -6.30
C ASN A 48 12.06 16.95 -7.62
N VAL A 49 12.95 16.23 -8.29
CA VAL A 49 13.41 16.62 -9.61
C VAL A 49 12.25 16.52 -10.61
N ALA A 50 12.09 17.56 -11.41
CA ALA A 50 11.19 17.51 -12.55
C ALA A 50 11.97 16.90 -13.73
N ILE A 51 11.59 15.68 -14.12
CA ILE A 51 12.32 14.91 -15.14
C ILE A 51 11.56 15.06 -16.44
N HIS A 52 12.20 15.60 -17.48
CA HIS A 52 11.48 15.82 -18.73
C HIS A 52 11.73 14.81 -19.82
N ASN A 53 12.79 14.00 -19.67
CA ASN A 53 13.00 12.80 -20.48
C ASN A 53 13.19 11.55 -19.59
N PRO A 54 12.20 10.61 -19.58
CA PRO A 54 10.93 10.68 -20.30
C PRO A 54 10.01 11.71 -19.65
N PHE A 55 8.79 11.87 -20.15
CA PHE A 55 7.96 13.00 -19.72
C PHE A 55 7.28 12.83 -18.36
N ARG A 56 7.85 13.46 -17.33
CA ARG A 56 7.23 13.45 -15.97
C ARG A 56 6.83 12.06 -15.49
N PRO A 57 7.81 11.13 -15.40
CA PRO A 57 7.50 9.75 -14.99
C PRO A 57 7.07 9.72 -13.53
N TRP A 58 6.27 8.74 -13.15
CA TRP A 58 5.91 8.62 -11.74
C TRP A 58 7.15 8.60 -10.83
N TRP A 59 8.26 8.02 -11.32
CA TRP A 59 9.40 7.82 -10.44
C TRP A 59 10.25 9.06 -10.17
N GLU A 60 9.89 10.18 -10.80
CA GLU A 60 10.60 11.41 -10.48
C GLU A 60 10.41 11.75 -9.00
N ARG A 61 9.28 11.29 -8.43
CA ARG A 61 8.95 11.59 -7.01
C ARG A 61 9.82 10.87 -5.99
N TYR A 62 10.72 10.01 -6.49
CA TYR A 62 11.62 9.23 -5.63
C TYR A 62 13.02 9.79 -5.76
N GLN A 63 13.11 11.02 -6.30
CA GLN A 63 14.37 11.75 -6.44
C GLN A 63 14.30 13.14 -5.78
N PRO A 64 14.48 13.19 -4.44
CA PRO A 64 14.33 14.45 -3.72
C PRO A 64 15.31 15.54 -4.11
N VAL A 65 14.85 16.78 -4.08
CA VAL A 65 15.69 17.98 -4.22
C VAL A 65 15.73 18.78 -2.90
N SER A 66 14.65 18.73 -2.12
CA SER A 66 14.62 19.36 -0.81
C SER A 66 13.49 18.77 0.03
N TYR A 67 13.31 19.31 1.23
CA TYR A 67 12.22 18.87 2.09
C TYR A 67 11.06 19.87 2.13
N LYS A 68 11.05 20.81 1.21
CA LYS A 68 9.88 21.69 1.06
C LYS A 68 8.68 20.86 0.60
N LEU A 69 7.50 21.16 1.14
CA LEU A 69 6.32 20.39 0.81
C LEU A 69 5.63 20.95 -0.43
N CYS A 70 6.18 20.64 -1.59
CA CYS A 70 5.82 21.31 -2.83
C CYS A 70 6.04 20.36 -4.01
N THR A 71 4.95 19.82 -4.54
CA THR A 71 4.99 18.73 -5.54
C THR A 71 3.82 18.85 -6.53
N ARG A 72 3.75 17.92 -7.47
CA ARG A 72 2.60 17.85 -8.38
C ARG A 72 1.30 17.56 -7.67
N SER A 73 1.39 17.05 -6.45
CA SER A 73 0.16 16.80 -5.66
C SER A 73 -0.37 18.06 -5.00
N GLY A 74 0.48 19.07 -4.89
CA GLY A 74 0.09 20.36 -4.28
C GLY A 74 1.16 20.98 -3.39
N ASN A 75 0.83 22.15 -2.84
CA ASN A 75 1.76 22.89 -1.97
C ASN A 75 1.57 22.58 -0.46
N GLU A 76 2.34 23.25 0.39
CA GLU A 76 2.25 23.01 1.83
C GLU A 76 0.86 23.34 2.39
N ASP A 77 0.25 24.44 1.95
CA ASP A 77 -1.09 24.80 2.39
C ASP A 77 -2.10 23.73 2.10
N GLU A 78 -2.08 23.19 0.88
CA GLU A 78 -3.01 22.11 0.51
C GLU A 78 -2.71 20.84 1.25
N PHE A 79 -1.42 20.55 1.48
CA PHE A 79 -1.05 19.37 2.26
C PHE A 79 -1.62 19.47 3.70
N ARG A 80 -1.40 20.62 4.34
CA ARG A 80 -1.97 20.88 5.68
C ARG A 80 -3.50 20.78 5.71
N ASN A 81 -4.15 21.35 4.70
CA ASN A 81 -5.62 21.31 4.56
C ASN A 81 -6.11 19.87 4.51
N MET A 82 -5.41 19.04 3.74
CA MET A 82 -5.78 17.63 3.57
C MET A 82 -5.66 16.86 4.89
N VAL A 83 -4.53 17.00 5.57
CA VAL A 83 -4.31 16.26 6.81
C VAL A 83 -5.34 16.66 7.86
N THR A 84 -5.57 17.97 8.00
CA THR A 84 -6.63 18.44 8.92
C THR A 84 -8.03 17.91 8.64
N ARG A 85 -8.46 18.00 7.39
CA ARG A 85 -9.80 17.57 6.99
C ARG A 85 -9.98 16.07 7.14
N CYS A 86 -8.93 15.32 6.80
CA CYS A 86 -8.98 13.86 6.94
C CYS A 86 -9.04 13.47 8.43
N ASN A 87 -8.14 14.02 9.27
CA ASN A 87 -8.16 13.65 10.70
C ASN A 87 -9.49 14.01 11.33
N ASN A 88 -10.03 15.14 10.90
CA ASN A 88 -11.31 15.60 11.44
C ASN A 88 -12.50 14.70 11.16
N VAL A 89 -12.39 13.83 10.14
CA VAL A 89 -13.40 12.80 9.87
C VAL A 89 -12.91 11.39 10.24
N GLY A 90 -11.77 11.33 10.91
CA GLY A 90 -11.30 10.07 11.46
C GLY A 90 -10.56 9.19 10.47
N VAL A 91 -9.94 9.81 9.46
CA VAL A 91 -9.17 9.10 8.43
C VAL A 91 -7.74 9.63 8.51
N ARG A 92 -6.78 8.71 8.69
CA ARG A 92 -5.40 9.10 8.89
C ARG A 92 -4.63 9.25 7.57
N ILE A 93 -3.51 9.95 7.67
CA ILE A 93 -2.57 10.13 6.55
C ILE A 93 -1.20 9.54 6.93
N TYR A 94 -0.64 8.76 6.00
CA TYR A 94 0.67 8.10 6.15
C TYR A 94 1.53 8.57 4.99
N VAL A 95 2.72 9.09 5.30
CA VAL A 95 3.57 9.70 4.28
C VAL A 95 4.62 8.73 3.77
N ASP A 96 4.80 8.68 2.45
CA ASP A 96 5.94 7.97 1.80
C ASP A 96 7.21 8.82 2.02
N ALA A 97 8.06 8.36 2.94
CA ALA A 97 9.29 9.09 3.32
C ALA A 97 10.51 8.63 2.52
N VAL A 98 11.03 9.54 1.70
CA VAL A 98 12.18 9.24 0.84
C VAL A 98 13.42 9.86 1.47
N ILE A 99 14.13 9.02 2.23
CA ILE A 99 15.13 9.52 3.16
C ILE A 99 16.49 8.87 2.95
N ASN A 100 16.55 7.84 2.09
CA ASN A 100 17.85 7.17 1.83
C ASN A 100 18.74 7.98 0.92
N HIS A 101 18.14 8.85 0.11
CA HIS A 101 18.90 9.45 -0.99
C HIS A 101 18.32 10.76 -1.45
N MET A 102 19.11 11.48 -2.22
CA MET A 102 18.59 12.57 -3.03
C MET A 102 18.42 12.06 -4.47
N CYS A 103 18.70 12.91 -5.45
CA CYS A 103 18.40 12.54 -6.84
C CYS A 103 19.57 11.80 -7.51
N GLY A 104 19.36 11.40 -8.76
CA GLY A 104 20.37 10.66 -9.51
C GLY A 104 21.60 11.51 -9.74
N ASN A 105 22.76 10.87 -9.64
CA ASN A 105 24.01 11.60 -9.73
C ASN A 105 24.28 12.23 -11.10
N ALA A 106 23.60 11.75 -12.14
CA ALA A 106 23.76 12.25 -13.52
C ALA A 106 22.74 13.32 -13.93
N VAL A 107 21.78 13.60 -13.05
CA VAL A 107 20.81 14.67 -13.30
C VAL A 107 21.52 16.02 -13.43
N SER A 108 21.16 16.75 -14.48
CA SER A 108 21.85 18.01 -14.74
C SER A 108 21.48 19.06 -13.69
N ALA A 109 22.45 19.88 -13.32
CA ALA A 109 22.27 20.92 -12.32
C ALA A 109 21.32 21.99 -12.83
N GLY A 110 20.62 22.65 -11.91
CA GLY A 110 19.78 23.77 -12.26
C GLY A 110 18.59 23.85 -11.33
N THR A 111 17.47 24.32 -11.88
CA THR A 111 16.21 24.50 -11.13
C THR A 111 15.05 23.69 -11.71
N SER A 112 15.39 22.55 -12.32
CA SER A 112 14.34 21.66 -12.82
C SER A 112 13.83 20.79 -11.67
N SER A 113 13.02 21.42 -10.83
CA SER A 113 12.50 20.82 -9.59
C SER A 113 11.09 21.31 -9.34
N THR A 114 10.31 20.57 -8.55
CA THR A 114 8.89 20.91 -8.41
C THR A 114 8.58 22.18 -7.63
N CYS A 115 9.59 22.77 -6.96
CA CYS A 115 9.39 24.07 -6.33
C CYS A 115 10.41 25.08 -6.79
N GLY A 116 11.18 24.66 -7.79
CA GLY A 116 12.16 25.53 -8.40
C GLY A 116 13.42 25.77 -7.60
N SER A 117 13.68 24.95 -6.58
CA SER A 117 14.94 25.03 -5.84
C SER A 117 16.12 24.68 -6.74
N TYR A 118 17.23 25.39 -6.55
CA TYR A 118 18.46 25.02 -7.22
C TYR A 118 19.07 23.78 -6.58
N PHE A 119 19.71 22.96 -7.40
CA PHE A 119 20.45 21.81 -6.91
C PHE A 119 21.51 21.43 -7.96
N ASN A 120 22.60 20.82 -7.49
CA ASN A 120 23.69 20.45 -8.37
C ASN A 120 24.20 19.08 -7.96
N PRO A 121 23.66 18.01 -8.58
CA PRO A 121 24.03 16.65 -8.22
C PRO A 121 25.53 16.36 -8.37
N GLY A 122 26.12 16.88 -9.43
CA GLY A 122 27.54 16.66 -9.68
C GLY A 122 28.47 17.22 -8.62
N SER A 123 28.07 18.33 -7.98
CA SER A 123 28.84 18.90 -6.88
C SER A 123 28.26 18.56 -5.51
N ARG A 124 27.22 17.72 -5.49
CA ARG A 124 26.59 17.25 -4.24
C ARG A 124 25.97 18.41 -3.47
N ASP A 125 25.51 19.41 -4.22
CA ASP A 125 25.00 20.62 -3.64
C ASP A 125 23.49 20.73 -3.67
N PHE A 126 22.88 20.70 -2.48
CA PHE A 126 21.43 20.81 -2.34
C PHE A 126 21.13 21.93 -1.34
N PRO A 127 21.28 23.19 -1.75
CA PRO A 127 21.26 24.28 -0.76
C PRO A 127 19.92 24.58 -0.12
N ALA A 128 18.85 24.00 -0.64
CA ALA A 128 17.54 24.24 -0.04
C ALA A 128 17.34 23.36 1.19
N VAL A 129 18.26 22.43 1.46
CA VAL A 129 18.17 21.59 2.68
C VAL A 129 18.76 22.28 3.93
N PRO A 130 20.08 22.62 3.93
CA PRO A 130 21.12 22.32 2.93
C PRO A 130 21.93 21.03 3.17
N TYR A 131 22.35 20.42 2.07
CA TYR A 131 23.33 19.34 2.06
C TYR A 131 24.49 19.75 1.18
N SER A 132 25.67 19.23 1.50
CA SER A 132 26.86 19.42 0.68
C SER A 132 27.55 18.09 0.47
N GLY A 133 28.67 18.11 -0.24
CA GLY A 133 29.46 16.89 -0.44
C GLY A 133 29.77 16.15 0.84
N TRP A 134 29.87 16.86 1.97
CA TRP A 134 30.12 16.21 3.26
C TRP A 134 28.99 15.32 3.76
N ASP A 135 27.83 15.42 3.12
CA ASP A 135 26.62 14.74 3.59
C ASP A 135 26.22 13.49 2.81
N PHE A 136 27.12 13.00 1.95
CA PHE A 136 26.85 11.81 1.15
C PHE A 136 27.91 10.74 1.38
N ASN A 137 27.61 9.53 0.91
CA ASN A 137 28.44 8.35 1.19
C ASN A 137 29.54 8.06 0.17
N ASP A 138 29.89 9.04 -0.65
CA ASP A 138 30.92 8.84 -1.70
C ASP A 138 32.26 8.26 -1.21
N GLY A 139 32.71 8.67 -0.02
CA GLY A 139 33.96 8.16 0.54
C GLY A 139 33.81 6.83 1.24
N LYS A 140 32.59 6.50 1.65
CA LYS A 140 32.27 5.30 2.44
C LYS A 140 32.11 4.08 1.52
N CYS A 141 31.59 4.31 0.31
CA CYS A 141 31.29 3.22 -0.64
C CYS A 141 32.56 2.64 -1.21
N LYS A 142 32.62 1.32 -1.28
CA LYS A 142 33.84 0.69 -1.76
C LYS A 142 33.72 0.00 -3.12
N THR A 143 32.66 0.27 -3.88
CA THR A 143 32.56 -0.32 -5.23
C THR A 143 33.26 0.54 -6.27
N GLY A 144 33.70 -0.11 -7.35
CA GLY A 144 34.36 0.58 -8.46
C GLY A 144 33.49 1.65 -9.11
N SER A 145 32.20 1.37 -9.23
CA SER A 145 31.29 2.28 -9.91
C SER A 145 30.72 3.35 -9.00
N GLY A 146 30.79 3.11 -7.69
CA GLY A 146 30.07 3.92 -6.70
C GLY A 146 28.61 3.55 -6.54
N ASP A 147 28.11 2.64 -7.38
CA ASP A 147 26.71 2.21 -7.29
C ASP A 147 26.64 0.82 -6.66
N ILE A 148 25.43 0.41 -6.26
CA ILE A 148 25.26 -0.94 -5.78
C ILE A 148 25.40 -1.90 -6.95
N GLU A 149 26.33 -2.86 -6.84
CA GLU A 149 26.62 -3.84 -7.89
C GLU A 149 26.19 -5.27 -7.53
N ASN A 150 26.08 -5.55 -6.23
CA ASN A 150 25.97 -6.91 -5.73
C ASN A 150 25.14 -6.98 -4.43
N TYR A 151 23.91 -7.46 -4.52
CA TYR A 151 23.06 -7.61 -3.33
C TYR A 151 23.51 -8.68 -2.33
N ASN A 152 24.50 -9.50 -2.70
CA ASN A 152 25.10 -10.46 -1.76
C ASN A 152 25.98 -9.78 -0.71
N ASP A 153 26.29 -8.50 -0.94
CA ASP A 153 27.19 -7.72 -0.07
C ASP A 153 26.35 -6.69 0.66
N ALA A 154 25.98 -7.02 1.89
CA ALA A 154 25.06 -6.18 2.67
C ALA A 154 25.60 -4.77 2.92
N THR A 155 26.92 -4.64 2.94
CA THR A 155 27.53 -3.34 3.20
C THR A 155 27.34 -2.37 2.03
N GLN A 156 27.62 -2.84 0.82
CA GLN A 156 27.45 -1.99 -0.34
C GLN A 156 25.97 -1.67 -0.56
N VAL A 157 25.07 -2.60 -0.22
CA VAL A 157 23.65 -2.32 -0.36
C VAL A 157 23.24 -1.06 0.42
N ARG A 158 23.88 -0.83 1.57
CA ARG A 158 23.57 0.33 2.45
C ARG A 158 24.39 1.58 2.14
N ASP A 159 25.66 1.40 1.77
CA ASP A 159 26.55 2.56 1.62
C ASP A 159 26.73 3.09 0.17
N CYS A 160 26.26 2.33 -0.81
CA CYS A 160 26.47 2.72 -2.21
C CYS A 160 25.17 3.22 -2.86
N ARG A 161 25.29 3.80 -4.04
CA ARG A 161 24.16 4.47 -4.69
C ARG A 161 23.19 3.48 -5.34
N LEU A 162 21.95 3.49 -4.86
CA LEU A 162 20.90 2.68 -5.50
C LEU A 162 20.63 3.22 -6.89
N SER A 163 21.01 2.46 -7.91
CA SER A 163 20.75 2.88 -9.30
C SER A 163 21.27 4.31 -9.55
N GLY A 164 22.34 4.66 -8.86
CA GLY A 164 22.96 5.97 -9.07
C GLY A 164 22.38 7.09 -8.22
N LEU A 165 21.35 6.81 -7.43
CA LEU A 165 20.81 7.83 -6.53
C LEU A 165 21.79 8.21 -5.42
N LEU A 166 22.02 9.52 -5.29
CA LEU A 166 23.05 10.04 -4.35
C LEU A 166 22.74 9.57 -2.93
N ASP A 167 23.67 8.88 -2.29
CA ASP A 167 23.33 8.13 -1.06
C ASP A 167 23.68 8.96 0.17
N LEU A 168 22.68 9.34 0.95
CA LEU A 168 22.91 10.25 2.10
C LEU A 168 23.70 9.56 3.20
N ALA A 169 24.55 10.32 3.88
CA ALA A 169 25.38 9.78 4.97
C ALA A 169 24.57 9.73 6.27
N LEU A 170 23.70 8.73 6.35
CA LEU A 170 22.78 8.62 7.50
C LEU A 170 23.46 8.28 8.81
N GLY A 171 24.77 8.05 8.76
CA GLY A 171 25.58 7.82 9.96
C GLY A 171 25.93 9.11 10.68
N LYS A 172 25.69 10.24 10.02
CA LYS A 172 26.08 11.54 10.55
C LYS A 172 24.91 12.18 11.28
N ASP A 173 25.16 12.71 12.47
CA ASP A 173 24.10 13.43 13.20
C ASP A 173 23.46 14.57 12.43
N TYR A 174 24.24 15.33 11.67
CA TYR A 174 23.68 16.45 10.91
C TYR A 174 22.61 15.97 9.94
N VAL A 175 22.90 14.89 9.21
CA VAL A 175 21.98 14.37 8.19
C VAL A 175 20.72 13.79 8.87
N ARG A 176 20.92 13.01 9.93
CA ARG A 176 19.80 12.47 10.70
C ARG A 176 18.91 13.60 11.17
N SER A 177 19.55 14.69 11.60
CA SER A 177 18.78 15.82 12.14
C SER A 177 17.96 16.54 11.09
N LYS A 178 18.50 16.66 9.87
CA LYS A 178 17.73 17.30 8.79
C LYS A 178 16.53 16.46 8.37
N ILE A 179 16.70 15.15 8.35
CA ILE A 179 15.61 14.23 8.04
C ILE A 179 14.54 14.28 9.14
N ALA A 180 14.98 14.29 10.40
CA ALA A 180 14.04 14.35 11.52
C ALA A 180 13.25 15.65 11.54
N GLU A 181 13.91 16.74 11.13
CA GLU A 181 13.24 18.02 11.01
C GLU A 181 12.05 17.94 10.03
N TYR A 182 12.32 17.31 8.89
CA TYR A 182 11.33 17.06 7.86
C TYR A 182 10.20 16.20 8.43
N MET A 183 10.55 15.08 9.05
CA MET A 183 9.50 14.19 9.58
C MET A 183 8.71 14.84 10.72
N ASN A 184 9.35 15.64 11.58
CA ASN A 184 8.62 16.38 12.65
C ASN A 184 7.67 17.45 12.17
N HIS A 185 8.04 18.11 11.07
CA HIS A 185 7.12 19.02 10.36
C HIS A 185 5.85 18.27 9.96
N LEU A 186 6.01 17.09 9.34
CA LEU A 186 4.85 16.26 8.99
C LEU A 186 4.04 15.75 10.19
N ILE A 187 4.72 15.22 11.20
CA ILE A 187 4.04 14.78 12.42
C ILE A 187 3.20 15.91 13.04
N ASP A 188 3.79 17.10 13.16
CA ASP A 188 3.08 18.20 13.80
C ASP A 188 1.86 18.67 13.02
N ILE A 189 1.90 18.56 11.68
CA ILE A 189 0.77 18.86 10.80
C ILE A 189 -0.38 17.89 11.07
N GLY A 190 -0.01 16.66 11.47
CA GLY A 190 -1.00 15.66 11.89
C GLY A 190 -0.88 14.28 11.24
N VAL A 191 0.20 14.03 10.50
CA VAL A 191 0.44 12.71 9.88
C VAL A 191 0.50 11.61 10.96
N ALA A 192 0.00 10.42 10.65
CA ALA A 192 -0.11 9.35 11.64
C ALA A 192 1.01 8.35 11.56
N GLY A 193 1.86 8.50 10.55
CA GLY A 193 2.95 7.56 10.32
C GLY A 193 3.56 7.66 8.94
N PHE A 194 4.42 6.69 8.64
CA PHE A 194 5.36 6.76 7.49
C PHE A 194 5.61 5.42 6.86
N ARG A 195 5.57 5.39 5.54
CA ARG A 195 6.19 4.32 4.75
C ARG A 195 7.64 4.73 4.53
N ILE A 196 8.57 3.96 5.07
CA ILE A 196 9.99 4.31 4.85
C ILE A 196 10.49 3.62 3.59
N ASP A 197 10.65 4.43 2.55
CA ASP A 197 11.02 3.97 1.23
C ASP A 197 12.48 3.44 1.29
N ALA A 198 12.77 2.42 0.51
CA ALA A 198 14.16 1.96 0.33
C ALA A 198 14.84 1.65 1.69
N SER A 199 14.09 1.06 2.62
CA SER A 199 14.60 0.73 3.94
C SER A 199 15.80 -0.23 3.90
N LYS A 200 15.80 -1.17 2.94
CA LYS A 200 16.88 -2.15 2.81
C LYS A 200 18.22 -1.42 2.62
N HIS A 201 18.14 -0.19 2.12
CA HIS A 201 19.34 0.57 1.73
C HIS A 201 19.90 1.47 2.84
N MET A 202 19.31 1.32 4.01
CA MET A 202 19.71 2.02 5.22
C MET A 202 20.01 1.01 6.32
N TRP A 203 20.99 1.32 7.18
CA TRP A 203 21.27 0.47 8.35
C TRP A 203 20.08 0.56 9.34
N PRO A 204 19.61 -0.58 9.86
CA PRO A 204 18.51 -0.49 10.83
C PRO A 204 18.81 0.49 11.98
N GLY A 205 20.07 0.60 12.37
CA GLY A 205 20.49 1.51 13.46
C GLY A 205 20.49 3.00 13.09
N ASP A 206 20.64 3.30 11.80
CA ASP A 206 20.54 4.70 11.32
C ASP A 206 19.06 5.10 11.29
N ILE A 207 18.21 4.19 10.80
CA ILE A 207 16.76 4.43 10.90
C ILE A 207 16.37 4.68 12.36
N LYS A 208 16.82 3.83 13.29
CA LYS A 208 16.54 4.02 14.70
C LYS A 208 16.93 5.42 15.18
N ALA A 209 18.13 5.84 14.83
CA ALA A 209 18.67 7.12 15.27
C ALA A 209 17.80 8.29 14.79
N ILE A 210 17.20 8.15 13.62
CA ILE A 210 16.30 9.18 13.08
C ILE A 210 14.99 9.12 13.84
N LEU A 211 14.47 7.91 14.00
CA LEU A 211 13.19 7.76 14.69
C LEU A 211 13.26 8.29 16.15
N ASP A 212 14.42 8.14 16.79
CA ASP A 212 14.66 8.63 18.16
C ASP A 212 14.44 10.15 18.30
N LYS A 213 14.51 10.86 17.18
CA LYS A 213 14.44 12.33 17.19
C LYS A 213 13.02 12.81 16.95
N LEU A 214 12.12 11.87 16.73
CA LEU A 214 10.74 12.25 16.37
C LEU A 214 9.81 12.59 17.53
N HIS A 215 8.95 13.58 17.28
CA HIS A 215 7.88 13.95 18.20
C HIS A 215 6.81 12.87 18.37
N ASN A 216 6.06 12.96 19.45
CA ASN A 216 4.79 12.23 19.53
C ASN A 216 3.77 12.84 18.58
N LEU A 217 2.75 12.04 18.25
CA LEU A 217 1.71 12.49 17.31
C LEU A 217 0.91 13.68 17.87
N ASN A 218 0.33 14.46 16.96
CA ASN A 218 -0.36 15.70 17.33
C ASN A 218 -1.46 15.48 18.35
N SER A 219 -1.35 16.16 19.49
CA SER A 219 -2.14 15.82 20.67
C SER A 219 -3.59 16.34 20.60
N ASN A 220 -3.93 17.02 19.50
CA ASN A 220 -5.35 17.33 19.26
C ASN A 220 -6.14 16.16 18.72
N TRP A 221 -5.48 15.22 18.03
CA TRP A 221 -6.20 14.07 17.46
C TRP A 221 -5.80 12.77 18.08
N PHE A 222 -4.58 12.68 18.61
CA PHE A 222 -4.02 11.42 19.08
C PHE A 222 -3.80 11.49 20.60
N PRO A 223 -4.14 10.40 21.33
CA PRO A 223 -3.86 10.32 22.75
C PRO A 223 -2.42 10.68 23.08
N GLU A 224 -2.21 11.26 24.25
CA GLU A 224 -0.86 11.68 24.63
C GLU A 224 0.08 10.45 24.66
N GLY A 225 1.30 10.62 24.14
CA GLY A 225 2.26 9.50 24.06
C GLY A 225 2.17 8.62 22.81
N SER A 226 1.31 8.97 21.87
CA SER A 226 1.17 8.23 20.59
C SER A 226 2.41 8.39 19.71
N LYS A 227 2.86 7.29 19.10
CA LYS A 227 4.06 7.30 18.25
C LYS A 227 3.63 7.04 16.79
N PRO A 228 4.34 7.64 15.81
CA PRO A 228 4.01 7.41 14.40
C PRO A 228 4.06 5.91 14.06
N PHE A 229 3.07 5.44 13.31
CA PHE A 229 3.09 4.10 12.69
C PHE A 229 4.23 4.06 11.68
N ILE A 230 5.09 3.05 11.80
CA ILE A 230 6.21 2.92 10.88
C ILE A 230 6.10 1.62 10.11
N TYR A 231 6.01 1.69 8.77
CA TYR A 231 6.19 0.47 7.95
C TYR A 231 7.30 0.65 6.93
N GLN A 232 8.21 -0.31 6.93
CA GLN A 232 9.44 -0.17 6.19
C GLN A 232 9.37 -0.97 4.89
N GLU A 233 9.73 -0.36 3.75
CA GLU A 233 9.84 -1.09 2.49
C GLU A 233 11.13 -1.88 2.41
N VAL A 234 11.04 -3.20 2.61
CA VAL A 234 12.15 -4.12 2.44
C VAL A 234 11.64 -5.25 1.56
N ILE A 235 12.28 -5.47 0.41
CA ILE A 235 11.90 -6.56 -0.47
C ILE A 235 12.76 -7.74 -0.09
N ASP A 236 12.17 -8.71 0.60
CA ASP A 236 12.91 -9.90 1.02
C ASP A 236 12.15 -11.14 0.63
N LEU A 237 12.61 -11.75 -0.46
CA LEU A 237 11.95 -12.93 -1.00
C LEU A 237 12.81 -14.14 -0.74
N GLY A 238 13.84 -13.97 0.11
CA GLY A 238 14.82 -15.03 0.37
C GLY A 238 16.11 -14.84 -0.39
N GLY A 239 17.11 -15.65 -0.04
CA GLY A 239 18.37 -15.71 -0.78
C GLY A 239 19.29 -14.51 -0.71
N GLU A 240 19.01 -13.54 0.15
CA GLU A 240 19.94 -12.43 0.32
C GLU A 240 20.34 -12.29 1.79
N PRO A 241 21.49 -11.65 2.08
CA PRO A 241 21.94 -11.53 3.47
C PRO A 241 21.05 -10.64 4.34
N ILE A 242 20.41 -9.63 3.75
CA ILE A 242 19.53 -8.75 4.49
C ILE A 242 18.14 -9.38 4.62
N LYS A 243 17.60 -9.36 5.84
CA LYS A 243 16.31 -10.01 6.13
C LYS A 243 15.31 -8.96 6.58
N SER A 244 14.04 -9.18 6.26
CA SER A 244 12.97 -8.30 6.77
C SER A 244 13.03 -8.16 8.32
N SER A 245 13.34 -9.27 9.01
CA SER A 245 13.45 -9.27 10.49
C SER A 245 14.48 -8.27 11.06
N ASP A 246 15.49 -7.90 10.25
CA ASP A 246 16.48 -6.93 10.69
C ASP A 246 15.86 -5.56 11.03
N TYR A 247 14.61 -5.31 10.59
CA TYR A 247 13.99 -4.01 10.72
C TYR A 247 12.80 -4.00 11.75
N PHE A 248 12.54 -5.13 12.41
CA PHE A 248 11.38 -5.23 13.35
C PHE A 248 11.46 -4.24 14.53
N GLY A 249 12.67 -3.85 14.91
CA GLY A 249 12.89 -2.93 16.02
C GLY A 249 12.33 -1.54 15.74
N ASN A 250 12.19 -1.22 14.45
CA ASN A 250 11.75 0.11 14.05
C ASN A 250 10.27 0.22 13.72
N GLY A 251 9.64 -0.93 13.43
CA GLY A 251 8.25 -0.91 12.99
C GLY A 251 7.84 -2.16 12.23
N ARG A 252 6.69 -2.07 11.57
CA ARG A 252 6.26 -3.13 10.63
C ARG A 252 7.12 -3.11 9.37
N VAL A 253 7.02 -4.19 8.58
CA VAL A 253 7.80 -4.34 7.36
C VAL A 253 6.88 -4.88 6.26
N THR A 254 7.06 -4.38 5.05
CA THR A 254 6.30 -4.88 3.87
C THR A 254 6.67 -6.35 3.65
N GLU A 255 5.63 -7.18 3.46
CA GLU A 255 5.80 -8.61 3.22
C GLU A 255 5.53 -8.86 1.74
N PHE A 256 6.60 -8.78 0.92
CA PHE A 256 6.43 -8.95 -0.51
C PHE A 256 6.19 -10.40 -0.93
N LYS A 257 6.50 -11.35 -0.06
CA LYS A 257 6.15 -12.73 -0.35
C LYS A 257 4.62 -12.91 -0.50
N TYR A 258 3.86 -12.07 0.18
CA TYR A 258 2.41 -12.24 0.29
C TYR A 258 1.72 -12.19 -1.10
N GLY A 259 1.87 -11.07 -1.80
CA GLY A 259 1.23 -10.88 -3.12
C GLY A 259 1.79 -11.77 -4.21
N ALA A 260 3.08 -12.08 -4.13
CA ALA A 260 3.71 -13.00 -5.08
C ALA A 260 3.08 -14.37 -4.98
N LYS A 261 2.95 -14.88 -3.75
CA LYS A 261 2.38 -16.19 -3.56
C LYS A 261 0.88 -16.21 -3.85
N LEU A 262 0.18 -15.17 -3.41
CA LEU A 262 -1.27 -15.13 -3.61
C LEU A 262 -1.61 -15.05 -5.11
N GLY A 263 -0.85 -14.25 -5.85
CA GLY A 263 -1.03 -14.19 -7.31
C GLY A 263 -0.83 -15.55 -7.95
N THR A 264 0.21 -16.28 -7.54
CA THR A 264 0.42 -17.63 -8.06
C THR A 264 -0.76 -18.57 -7.78
N VAL A 265 -1.25 -18.51 -6.54
CA VAL A 265 -2.39 -19.36 -6.15
C VAL A 265 -3.65 -19.07 -6.97
N ILE A 266 -4.03 -17.79 -7.01
CA ILE A 266 -5.27 -17.40 -7.69
C ILE A 266 -5.20 -17.61 -9.22
N ARG A 267 -4.01 -17.46 -9.80
CA ARG A 267 -3.81 -17.81 -11.22
C ARG A 267 -3.73 -19.34 -11.49
N LYS A 268 -3.59 -20.13 -10.42
CA LYS A 268 -3.46 -21.60 -10.50
C LYS A 268 -2.22 -21.99 -11.28
N TRP A 269 -1.16 -21.22 -11.04
CA TRP A 269 0.15 -21.49 -11.63
C TRP A 269 0.98 -22.31 -10.68
N ASN A 270 2.01 -22.95 -11.23
CA ASN A 270 3.05 -23.64 -10.46
C ASN A 270 2.49 -24.74 -9.56
N GLY A 271 1.37 -25.31 -10.00
CA GLY A 271 0.69 -26.38 -9.28
C GLY A 271 -0.08 -25.93 -8.04
N GLU A 272 -0.18 -24.62 -7.84
CA GLU A 272 -0.83 -24.07 -6.63
C GLU A 272 -2.34 -24.03 -6.77
N LYS A 273 -3.03 -24.10 -5.64
CA LYS A 273 -4.50 -24.06 -5.63
C LYS A 273 -5.03 -23.49 -4.32
N MET A 274 -6.30 -23.05 -4.31
CA MET A 274 -6.81 -22.32 -3.14
C MET A 274 -6.91 -23.20 -1.89
N SER A 275 -7.02 -24.52 -2.07
CA SER A 275 -7.15 -25.37 -0.89
C SER A 275 -5.91 -25.27 0.00
N TYR A 276 -4.77 -24.92 -0.60
CA TYR A 276 -3.51 -24.79 0.12
C TYR A 276 -3.47 -23.55 1.03
N LEU A 277 -4.44 -22.64 0.85
CA LEU A 277 -4.51 -21.43 1.67
C LEU A 277 -4.99 -21.69 3.10
N LYS A 278 -5.31 -22.94 3.41
CA LYS A 278 -5.80 -23.31 4.74
C LYS A 278 -4.87 -22.78 5.83
N ASN A 279 -3.56 -22.89 5.60
CA ASN A 279 -2.52 -22.44 6.56
C ASN A 279 -1.83 -21.13 6.15
N TRP A 280 -2.54 -20.31 5.38
CA TRP A 280 -2.00 -19.03 4.91
C TRP A 280 -1.47 -18.19 6.08
N GLY A 281 -0.34 -17.52 5.86
CA GLY A 281 0.28 -16.70 6.91
C GLY A 281 1.67 -17.23 7.22
N GLU A 282 2.00 -17.31 8.51
CA GLU A 282 3.30 -17.82 8.90
C GLU A 282 3.59 -19.26 8.39
N GLY A 283 2.51 -20.03 8.18
CA GLY A 283 2.56 -21.38 7.58
C GLY A 283 3.20 -21.43 6.20
N TRP A 284 3.14 -20.31 5.46
CA TRP A 284 3.77 -20.17 4.15
C TRP A 284 5.16 -19.56 4.20
N GLY A 285 5.71 -19.44 5.40
CA GLY A 285 7.06 -18.90 5.61
C GLY A 285 7.12 -17.39 5.70
N PHE A 286 5.97 -16.76 5.85
CA PHE A 286 5.92 -15.30 5.95
C PHE A 286 6.32 -14.83 7.37
N MET A 287 6.60 -13.53 7.50
CA MET A 287 6.99 -12.94 8.79
C MET A 287 5.80 -12.98 9.79
N PRO A 288 6.04 -12.68 11.08
CA PRO A 288 4.94 -12.67 12.04
C PRO A 288 3.83 -11.71 11.60
N SER A 289 2.59 -12.15 11.82
CA SER A 289 1.43 -11.36 11.46
C SER A 289 1.48 -9.93 12.04
N ASP A 290 1.97 -9.80 13.26
CA ASP A 290 1.98 -8.49 13.94
C ASP A 290 3.08 -7.54 13.43
N ARG A 291 3.87 -8.00 12.47
CA ARG A 291 4.85 -7.10 11.82
C ARG A 291 4.59 -6.89 10.32
N ALA A 292 3.72 -7.70 9.72
CA ALA A 292 3.52 -7.66 8.26
C ALA A 292 2.60 -6.54 7.82
N LEU A 293 3.06 -5.81 6.81
CA LEU A 293 2.19 -4.89 6.07
C LEU A 293 1.95 -5.61 4.74
N VAL A 294 0.71 -6.02 4.49
CA VAL A 294 0.41 -6.88 3.32
C VAL A 294 -0.43 -6.17 2.27
N PHE A 295 -0.40 -6.74 1.05
CA PHE A 295 -0.95 -6.12 -0.16
C PHE A 295 -0.84 -7.10 -1.31
N VAL A 296 -1.76 -6.96 -2.28
CA VAL A 296 -1.76 -7.81 -3.49
C VAL A 296 -0.71 -7.28 -4.47
N ASP A 297 -0.80 -5.99 -4.78
CA ASP A 297 0.19 -5.30 -5.63
C ASP A 297 0.55 -3.97 -4.96
N ASN A 298 1.69 -3.41 -5.36
CA ASN A 298 2.04 -2.05 -4.95
C ASN A 298 2.39 -1.24 -6.18
N HIS A 299 2.68 0.03 -5.99
CA HIS A 299 2.95 0.91 -7.14
C HIS A 299 4.12 0.47 -8.05
N ASP A 300 5.10 -0.23 -7.47
CA ASP A 300 6.26 -0.74 -8.23
C ASP A 300 5.88 -2.00 -9.01
N ASN A 301 5.40 -3.01 -8.30
CA ASN A 301 5.25 -4.30 -8.98
C ASN A 301 4.02 -4.42 -9.86
N GLN A 302 3.08 -3.48 -9.76
CA GLN A 302 1.97 -3.51 -10.72
C GLN A 302 2.44 -3.11 -12.14
N ARG A 303 3.64 -2.54 -12.26
CA ARG A 303 4.17 -2.17 -13.56
C ARG A 303 5.55 -2.79 -13.78
N GLY A 304 5.87 -3.85 -13.05
CA GLY A 304 7.08 -4.63 -13.29
C GLY A 304 8.34 -4.06 -12.67
N HIS A 305 8.21 -3.01 -11.87
CA HIS A 305 9.36 -2.47 -11.13
C HIS A 305 9.52 -3.21 -9.80
N GLY A 306 10.60 -2.91 -9.07
CA GLY A 306 10.84 -3.58 -7.79
C GLY A 306 11.25 -5.02 -8.09
N ALA A 307 10.70 -5.95 -7.33
CA ALA A 307 11.01 -7.36 -7.54
C ALA A 307 10.24 -7.87 -8.76
N GLY A 308 9.21 -7.11 -9.15
CA GLY A 308 8.37 -7.49 -10.27
C GLY A 308 7.67 -8.79 -9.97
N GLY A 309 7.73 -9.71 -10.93
CA GLY A 309 7.06 -11.00 -10.84
C GLY A 309 5.86 -11.09 -11.76
N ALA A 310 5.85 -12.14 -12.58
CA ALA A 310 4.77 -12.40 -13.51
C ALA A 310 3.48 -12.73 -12.80
N SER A 311 3.56 -13.19 -11.56
CA SER A 311 2.32 -13.66 -10.92
C SER A 311 1.53 -12.51 -10.32
N ILE A 312 2.13 -11.34 -10.19
CA ILE A 312 1.42 -10.22 -9.53
C ILE A 312 0.07 -9.92 -10.20
N LEU A 313 -0.98 -9.86 -9.39
CA LEU A 313 -2.31 -9.49 -9.86
C LEU A 313 -2.54 -8.01 -9.70
N THR A 314 -3.17 -7.41 -10.71
CA THR A 314 -3.46 -5.97 -10.73
C THR A 314 -4.83 -5.70 -11.33
N PHE A 315 -5.24 -4.44 -11.34
CA PHE A 315 -6.52 -4.07 -11.94
C PHE A 315 -6.69 -4.50 -13.41
N TRP A 316 -5.57 -4.73 -14.10
CA TRP A 316 -5.59 -5.22 -15.49
C TRP A 316 -6.18 -6.63 -15.58
N ASP A 317 -6.04 -7.39 -14.51
CA ASP A 317 -6.63 -8.73 -14.39
C ASP A 317 -7.77 -8.70 -13.39
N ALA A 318 -8.82 -7.96 -13.75
CA ALA A 318 -9.80 -7.49 -12.77
C ALA A 318 -10.49 -8.61 -11.99
N ARG A 319 -10.92 -9.65 -12.68
CA ARG A 319 -11.74 -10.69 -12.03
C ARG A 319 -10.92 -11.40 -10.97
N LEU A 320 -9.72 -11.86 -11.35
CA LEU A 320 -8.83 -12.51 -10.39
C LEU A 320 -8.31 -11.56 -9.30
N TYR A 321 -8.07 -10.30 -9.66
CA TYR A 321 -7.64 -9.29 -8.69
C TYR A 321 -8.66 -9.08 -7.57
N LYS A 322 -9.94 -8.94 -7.92
CA LYS A 322 -10.94 -8.70 -6.88
C LYS A 322 -11.00 -9.89 -5.91
N MET A 323 -10.82 -11.10 -6.44
CA MET A 323 -10.81 -12.32 -5.64
C MET A 323 -9.63 -12.31 -4.67
N ALA A 324 -8.47 -11.95 -5.20
CA ALA A 324 -7.28 -11.94 -4.37
C ALA A 324 -7.41 -10.90 -3.26
N VAL A 325 -7.90 -9.71 -3.61
CA VAL A 325 -8.10 -8.64 -2.61
C VAL A 325 -9.15 -9.07 -1.56
N GLY A 326 -10.22 -9.72 -2.03
CA GLY A 326 -11.24 -10.26 -1.14
C GLY A 326 -10.68 -11.26 -0.14
N PHE A 327 -9.84 -12.19 -0.62
CA PHE A 327 -9.27 -13.14 0.29
C PHE A 327 -8.39 -12.44 1.33
N MET A 328 -7.50 -11.54 0.85
CA MET A 328 -6.62 -10.76 1.74
C MET A 328 -7.42 -10.03 2.83
N LEU A 329 -8.50 -9.36 2.46
CA LEU A 329 -9.26 -8.55 3.40
C LEU A 329 -10.09 -9.41 4.38
N ALA A 330 -10.43 -10.64 4.00
CA ALA A 330 -11.12 -11.55 4.90
C ALA A 330 -10.18 -12.24 5.88
N HIS A 331 -8.92 -12.44 5.48
CA HIS A 331 -8.06 -13.32 6.27
C HIS A 331 -7.38 -12.49 7.38
N PRO A 332 -7.22 -13.06 8.60
CA PRO A 332 -6.68 -12.24 9.70
C PRO A 332 -5.19 -11.82 9.60
N TYR A 333 -4.39 -12.43 8.72
CA TYR A 333 -2.92 -12.19 8.69
C TYR A 333 -2.61 -10.77 8.22
N GLY A 334 -1.83 -10.07 9.04
CA GLY A 334 -1.26 -8.79 8.63
C GLY A 334 -2.15 -7.57 8.73
N PHE A 335 -1.51 -6.42 8.47
CA PHE A 335 -2.17 -5.14 8.31
C PHE A 335 -2.30 -4.85 6.81
N THR A 336 -3.52 -4.61 6.36
CA THR A 336 -3.86 -4.61 4.93
C THR A 336 -3.83 -3.22 4.26
N ARG A 337 -3.14 -3.18 3.12
CA ARG A 337 -3.10 -1.97 2.26
C ARG A 337 -3.67 -2.31 0.89
N VAL A 338 -4.62 -1.48 0.46
CA VAL A 338 -5.31 -1.59 -0.82
C VAL A 338 -4.70 -0.56 -1.79
N MET A 339 -4.40 -1.00 -3.00
CA MET A 339 -3.81 -0.13 -4.03
C MET A 339 -4.95 0.62 -4.75
N SER A 340 -4.72 1.88 -5.10
CA SER A 340 -5.63 2.63 -5.95
C SER A 340 -4.79 3.29 -7.03
N SER A 341 -5.09 2.97 -8.29
CA SER A 341 -4.15 3.19 -9.41
C SER A 341 -4.68 4.18 -10.44
N TYR A 342 -3.83 4.50 -11.43
CA TYR A 342 -4.32 5.12 -12.66
C TYR A 342 -3.95 4.23 -13.88
N ARG A 343 -4.69 4.40 -14.97
CA ARG A 343 -4.41 3.68 -16.21
C ARG A 343 -3.32 4.37 -16.99
N TRP A 344 -2.50 3.60 -17.67
CA TRP A 344 -1.45 4.10 -18.54
C TRP A 344 -1.44 3.19 -19.78
N PRO A 345 -0.90 3.67 -20.90
CA PRO A 345 -0.80 2.85 -22.13
C PRO A 345 0.26 1.74 -22.11
N ARG A 346 -0.04 0.63 -21.45
CA ARG A 346 0.87 -0.53 -21.41
C ARG A 346 1.21 -0.99 -22.82
N TYR A 347 2.49 -1.19 -23.08
CA TYR A 347 2.93 -1.62 -24.40
C TYR A 347 4.16 -2.49 -24.24
N PHE A 348 4.00 -3.77 -24.57
CA PHE A 348 5.08 -4.72 -24.36
C PHE A 348 5.95 -4.89 -25.58
N GLU A 349 7.25 -4.80 -25.36
CA GLU A 349 8.23 -4.99 -26.41
C GLU A 349 9.36 -5.77 -25.75
N ASN A 350 9.61 -6.96 -26.28
CA ASN A 350 10.59 -7.88 -25.70
C ASN A 350 10.26 -8.24 -24.26
N GLY A 351 8.97 -8.49 -24.00
CA GLY A 351 8.52 -8.90 -22.68
C GLY A 351 8.38 -7.82 -21.62
N LYS A 352 8.91 -6.63 -21.90
CA LYS A 352 8.88 -5.51 -20.95
C LYS A 352 7.90 -4.39 -21.38
N ASP A 353 7.24 -3.76 -20.41
CA ASP A 353 6.35 -2.64 -20.68
C ASP A 353 7.20 -1.39 -20.89
N VAL A 354 7.26 -0.91 -22.13
CA VAL A 354 8.13 0.24 -22.45
C VAL A 354 7.54 1.54 -21.93
N ASN A 355 6.27 1.45 -21.51
CA ASN A 355 5.58 2.57 -20.86
C ASN A 355 5.42 2.44 -19.33
N ASP A 356 6.27 1.63 -18.71
CA ASP A 356 6.26 1.44 -17.25
C ASP A 356 6.66 2.69 -16.48
N TRP A 357 7.04 3.74 -17.21
CA TRP A 357 7.50 4.99 -16.62
C TRP A 357 6.38 6.01 -16.54
N VAL A 358 5.32 5.80 -17.32
CA VAL A 358 4.30 6.83 -17.47
C VAL A 358 3.71 7.29 -16.12
N GLY A 359 3.65 8.62 -15.97
CA GLY A 359 3.14 9.25 -14.75
C GLY A 359 1.61 9.31 -14.75
N PRO A 360 1.03 9.99 -13.75
CA PRO A 360 -0.44 10.03 -13.64
C PRO A 360 -1.10 10.79 -14.80
N PRO A 361 -2.42 10.62 -14.97
CA PRO A 361 -3.22 11.34 -15.96
C PRO A 361 -2.86 12.80 -15.84
N ASN A 362 -2.51 13.44 -16.95
CA ASN A 362 -2.03 14.81 -16.90
C ASN A 362 -2.38 15.62 -18.14
N ASP A 363 -2.39 16.95 -17.97
CA ASP A 363 -2.47 17.91 -19.08
C ASP A 363 -1.15 18.67 -19.12
N ASN A 364 -0.30 18.33 -20.09
CA ASN A 364 1.06 18.87 -20.16
C ASN A 364 1.77 18.94 -18.82
N GLY A 365 1.68 17.82 -18.08
CA GLY A 365 2.46 17.67 -16.87
C GLY A 365 1.70 18.00 -15.59
N VAL A 366 0.54 18.64 -15.75
CA VAL A 366 -0.33 19.00 -14.62
C VAL A 366 -1.26 17.85 -14.31
N THR A 367 -1.13 17.28 -13.11
CA THR A 367 -1.98 16.14 -12.70
C THR A 367 -3.49 16.45 -12.78
N LYS A 368 -4.24 15.54 -13.42
CA LYS A 368 -5.69 15.70 -13.54
C LYS A 368 -6.45 15.43 -12.26
N GLU A 369 -7.50 16.21 -12.06
CA GLU A 369 -8.38 15.97 -10.93
C GLU A 369 -9.07 14.62 -11.05
N VAL A 370 -9.45 14.05 -9.89
CA VAL A 370 -10.24 12.86 -9.85
C VAL A 370 -11.74 13.25 -9.97
N THR A 371 -12.32 12.88 -11.11
CA THR A 371 -13.73 13.13 -11.36
C THR A 371 -14.52 11.89 -10.98
N ILE A 372 -15.74 12.12 -10.49
CA ILE A 372 -16.59 11.05 -10.02
C ILE A 372 -17.74 10.90 -11.02
N ASN A 373 -17.82 9.70 -11.62
CA ASN A 373 -18.87 9.37 -12.55
C ASN A 373 -20.18 9.18 -11.77
N PRO A 374 -21.33 9.21 -12.46
CA PRO A 374 -22.61 9.06 -11.78
C PRO A 374 -22.75 7.74 -10.99
N ASP A 375 -22.12 6.67 -11.45
CA ASP A 375 -22.21 5.36 -10.79
C ASP A 375 -21.17 5.18 -9.69
N THR A 376 -20.54 6.29 -9.29
CA THR A 376 -19.54 6.36 -8.21
C THR A 376 -18.14 5.83 -8.59
N THR A 377 -17.95 5.43 -9.85
CA THR A 377 -16.61 5.15 -10.38
C THR A 377 -15.92 6.47 -10.72
N CYS A 378 -14.66 6.38 -11.13
CA CYS A 378 -13.87 7.57 -11.42
C CYS A 378 -13.59 7.79 -12.90
N GLY A 379 -13.43 9.06 -13.26
CA GLY A 379 -13.09 9.46 -14.61
C GLY A 379 -11.63 9.87 -14.68
N ASN A 380 -11.25 10.44 -15.81
CA ASN A 380 -9.90 10.94 -16.05
C ASN A 380 -8.82 9.86 -15.92
N ASP A 381 -9.18 8.59 -16.17
CA ASP A 381 -8.18 7.49 -16.21
C ASP A 381 -7.68 7.04 -14.83
N TRP A 382 -8.28 7.58 -13.77
CA TRP A 382 -8.04 7.04 -12.43
C TRP A 382 -8.88 5.78 -12.30
N VAL A 383 -8.26 4.72 -11.81
CA VAL A 383 -8.96 3.43 -11.68
C VAL A 383 -9.87 3.33 -10.45
N CYS A 384 -9.43 3.92 -9.33
CA CYS A 384 -10.23 3.91 -8.10
C CYS A 384 -10.68 2.53 -7.69
N GLU A 385 -9.75 1.60 -7.59
CA GLU A 385 -10.09 0.26 -7.10
C GLU A 385 -10.87 0.30 -5.80
N HIS A 386 -10.53 1.27 -4.95
CA HIS A 386 -11.12 1.34 -3.61
C HIS A 386 -12.61 1.69 -3.63
N ARG A 387 -13.11 2.18 -4.79
CA ARG A 387 -14.53 2.45 -4.95
C ARG A 387 -15.32 1.29 -5.58
N ALA A 388 -14.64 0.27 -6.08
CA ALA A 388 -15.36 -0.93 -6.56
C ALA A 388 -16.13 -1.52 -5.40
N ARG A 389 -17.42 -1.78 -5.59
CA ARG A 389 -18.26 -2.37 -4.54
C ARG A 389 -17.60 -3.59 -3.90
N GLN A 390 -17.04 -4.44 -4.74
CA GLN A 390 -16.49 -5.71 -4.24
C GLN A 390 -15.31 -5.49 -3.28
N ILE A 391 -14.57 -4.40 -3.49
CA ILE A 391 -13.40 -4.09 -2.66
C ILE A 391 -13.82 -3.24 -1.45
N ARG A 392 -14.60 -2.19 -1.70
CA ARG A 392 -15.11 -1.38 -0.62
C ARG A 392 -15.89 -2.19 0.45
N ASN A 393 -16.73 -3.12 0.01
CA ASN A 393 -17.53 -3.92 0.97
C ASN A 393 -16.68 -4.93 1.73
N MET A 394 -15.55 -5.33 1.14
CA MET A 394 -14.57 -6.17 1.85
C MET A 394 -13.74 -5.37 2.86
N VAL A 395 -13.50 -4.11 2.59
CA VAL A 395 -12.86 -3.23 3.57
C VAL A 395 -13.75 -3.16 4.82
N ASN A 396 -15.07 -3.03 4.63
CA ASN A 396 -15.97 -3.07 5.77
C ASN A 396 -16.05 -4.45 6.44
N PHE A 397 -16.03 -5.51 5.64
CA PHE A 397 -16.01 -6.87 6.18
C PHE A 397 -14.87 -6.98 7.22
N ARG A 398 -13.68 -6.53 6.84
CA ARG A 398 -12.52 -6.64 7.76
C ARG A 398 -12.77 -5.88 9.07
N ASN A 399 -13.42 -4.70 8.97
CA ASN A 399 -13.72 -3.92 10.17
C ASN A 399 -14.69 -4.71 11.06
N VAL A 400 -15.73 -5.26 10.45
CA VAL A 400 -16.83 -5.94 11.16
C VAL A 400 -16.31 -7.15 11.90
N VAL A 401 -15.31 -7.82 11.32
CA VAL A 401 -14.85 -9.09 11.88
C VAL A 401 -13.55 -8.93 12.70
N ASP A 402 -13.12 -7.69 12.91
CA ASP A 402 -11.83 -7.39 13.55
C ASP A 402 -11.72 -8.15 14.87
N GLY A 403 -10.64 -8.91 15.02
CA GLY A 403 -10.38 -9.63 16.28
C GLY A 403 -10.97 -11.03 16.35
N GLN A 404 -11.81 -11.39 15.39
CA GLN A 404 -12.45 -12.70 15.36
C GLN A 404 -11.53 -13.75 14.77
N PRO A 405 -11.54 -14.98 15.34
CA PRO A 405 -10.60 -16.00 14.87
C PRO A 405 -10.97 -16.61 13.51
N PHE A 406 -9.96 -17.03 12.76
CA PHE A 406 -10.11 -17.86 11.55
C PHE A 406 -10.72 -19.20 11.97
N THR A 407 -11.90 -19.51 11.43
CA THR A 407 -12.67 -20.70 11.84
C THR A 407 -13.48 -21.30 10.68
N ASN A 408 -14.07 -22.48 10.89
CA ASN A 408 -14.99 -23.05 9.89
C ASN A 408 -14.47 -23.12 8.45
N TRP A 409 -13.20 -23.49 8.31
CA TRP A 409 -12.61 -23.65 7.00
C TRP A 409 -13.21 -24.87 6.28
N TYR A 410 -13.54 -24.68 5.00
CA TYR A 410 -13.93 -25.77 4.09
C TYR A 410 -13.05 -25.73 2.84
N ASP A 411 -12.60 -26.88 2.32
CA ASP A 411 -12.09 -26.94 0.93
C ASP A 411 -12.48 -28.24 0.24
N ASN A 412 -12.53 -28.21 -1.09
CA ASN A 412 -12.85 -29.41 -1.90
C ASN A 412 -11.59 -30.12 -2.44
N GLY A 413 -10.42 -29.81 -1.88
CA GLY A 413 -9.15 -30.39 -2.35
C GLY A 413 -8.62 -29.80 -3.65
N SER A 414 -9.30 -28.76 -4.16
CA SER A 414 -8.92 -28.07 -5.39
C SER A 414 -8.97 -26.54 -5.17
N ASN A 415 -9.96 -25.87 -5.75
CA ASN A 415 -10.10 -24.40 -5.67
C ASN A 415 -11.47 -23.90 -5.22
N GLN A 416 -12.21 -24.74 -4.51
CA GLN A 416 -13.47 -24.28 -3.86
C GLN A 416 -13.21 -24.29 -2.35
N VAL A 417 -13.21 -23.11 -1.74
CA VAL A 417 -12.83 -22.98 -0.34
C VAL A 417 -13.78 -22.00 0.38
N ALA A 418 -13.87 -22.11 1.70
CA ALA A 418 -14.67 -21.12 2.44
C ALA A 418 -14.12 -21.01 3.85
N PHE A 419 -14.38 -19.88 4.52
CA PHE A 419 -14.03 -19.78 5.93
C PHE A 419 -14.79 -18.66 6.62
N GLY A 420 -14.79 -18.74 7.94
CA GLY A 420 -15.43 -17.73 8.76
C GLY A 420 -14.45 -16.96 9.65
N ARG A 421 -14.96 -15.88 10.18
CA ARG A 421 -14.26 -15.10 11.18
C ARG A 421 -15.17 -15.03 12.40
N GLY A 422 -14.86 -15.86 13.38
CA GLY A 422 -15.72 -16.12 14.54
C GLY A 422 -17.19 -16.24 14.16
N ASN A 423 -18.01 -15.49 14.85
CA ASN A 423 -19.44 -15.50 14.55
C ASN A 423 -19.88 -14.22 13.86
N ARG A 424 -18.93 -13.55 13.20
CA ARG A 424 -19.20 -12.24 12.61
C ARG A 424 -19.13 -12.15 11.08
N GLY A 425 -18.49 -13.10 10.42
CA GLY A 425 -18.45 -13.07 8.95
C GLY A 425 -18.16 -14.42 8.36
N PHE A 426 -18.47 -14.57 7.06
CA PHE A 426 -18.19 -15.81 6.34
C PHE A 426 -18.00 -15.49 4.88
N ILE A 427 -17.09 -16.19 4.22
CA ILE A 427 -16.76 -15.93 2.83
C ILE A 427 -16.55 -17.26 2.08
N VAL A 428 -16.96 -17.29 0.80
CA VAL A 428 -16.94 -18.54 -0.01
C VAL A 428 -16.37 -18.22 -1.38
N PHE A 429 -15.39 -19.01 -1.88
CA PHE A 429 -14.72 -18.76 -3.18
C PHE A 429 -14.81 -19.98 -4.11
N ASN A 430 -15.13 -19.74 -5.39
CA ASN A 430 -15.05 -20.78 -6.41
C ASN A 430 -14.05 -20.41 -7.48
N ASN A 431 -12.87 -21.02 -7.46
CA ASN A 431 -11.90 -20.83 -8.54
C ASN A 431 -11.63 -22.12 -9.32
N ASP A 432 -12.59 -23.05 -9.29
CA ASP A 432 -12.53 -24.26 -10.11
C ASP A 432 -13.38 -24.10 -11.38
N ASP A 433 -13.15 -25.00 -12.33
CA ASP A 433 -13.87 -25.00 -13.62
C ASP A 433 -15.23 -25.73 -13.61
N TRP A 434 -15.91 -25.68 -12.48
CA TRP A 434 -17.27 -26.22 -12.35
C TRP A 434 -17.98 -25.52 -11.21
N THR A 435 -19.30 -25.71 -11.10
CA THR A 435 -20.10 -24.98 -10.13
C THR A 435 -19.84 -25.42 -8.70
N PHE A 436 -19.84 -24.45 -7.78
CA PHE A 436 -19.68 -24.69 -6.33
C PHE A 436 -21.09 -24.61 -5.80
N SER A 437 -21.67 -25.74 -5.40
CA SER A 437 -23.04 -25.76 -4.90
C SER A 437 -23.08 -26.66 -3.68
N LEU A 438 -23.29 -26.07 -2.49
CA LEU A 438 -23.15 -26.84 -1.25
C LEU A 438 -23.67 -26.09 -0.04
N THR A 439 -24.19 -26.84 0.92
CA THR A 439 -24.62 -26.30 2.21
C THR A 439 -23.43 -26.32 3.17
N LEU A 440 -23.08 -25.16 3.72
CA LEU A 440 -21.90 -25.03 4.57
C LEU A 440 -22.22 -24.47 5.96
N GLN A 441 -21.42 -24.87 6.95
CA GLN A 441 -21.48 -24.24 8.27
C GLN A 441 -20.84 -22.86 8.23
N THR A 442 -21.60 -21.84 8.60
CA THR A 442 -21.14 -20.45 8.51
C THR A 442 -20.66 -19.86 9.82
N GLY A 443 -21.08 -20.45 10.94
CA GLY A 443 -20.81 -19.90 12.28
C GLY A 443 -21.65 -18.67 12.64
N LEU A 444 -22.56 -18.26 11.75
CA LEU A 444 -23.35 -17.04 11.95
C LEU A 444 -24.70 -17.28 12.59
N PRO A 445 -25.23 -16.29 13.31
CA PRO A 445 -26.60 -16.40 13.80
C PRO A 445 -27.62 -16.55 12.66
N ALA A 446 -28.74 -17.21 12.95
CA ALA A 446 -29.74 -17.47 11.92
C ALA A 446 -30.33 -16.17 11.35
N GLY A 447 -30.56 -16.15 10.05
CA GLY A 447 -31.23 -15.01 9.43
C GLY A 447 -30.95 -14.87 7.95
N THR A 448 -31.42 -13.77 7.38
CA THR A 448 -31.19 -13.47 5.96
C THR A 448 -30.09 -12.44 5.83
N TYR A 449 -29.06 -12.78 5.07
CA TYR A 449 -27.89 -11.94 4.90
C TYR A 449 -27.75 -11.46 3.47
N CYS A 450 -27.36 -10.20 3.30
CA CYS A 450 -27.01 -9.72 1.97
C CYS A 450 -25.57 -10.12 1.61
N ASP A 451 -25.39 -10.71 0.43
CA ASP A 451 -24.02 -10.93 -0.09
C ASP A 451 -23.45 -9.57 -0.44
N VAL A 452 -22.34 -9.17 0.19
CA VAL A 452 -21.82 -7.82 0.00
C VAL A 452 -20.88 -7.75 -1.21
N ILE A 453 -20.70 -8.87 -1.89
CA ILE A 453 -19.92 -8.88 -3.15
C ILE A 453 -20.83 -8.47 -4.33
N SER A 454 -22.01 -9.08 -4.39
CA SER A 454 -22.94 -8.79 -5.49
C SER A 454 -23.85 -7.58 -5.24
N GLY A 455 -23.98 -7.16 -4.00
CA GLY A 455 -24.99 -6.13 -3.67
C GLY A 455 -24.70 -5.44 -2.34
N ASP A 456 -25.70 -4.74 -1.83
CA ASP A 456 -25.60 -3.95 -0.59
C ASP A 456 -26.90 -4.08 0.19
N LYS A 457 -26.83 -3.87 1.51
CA LYS A 457 -28.04 -3.80 2.34
C LYS A 457 -28.53 -2.36 2.31
N ILE A 458 -29.81 -2.17 2.03
CA ILE A 458 -30.47 -0.84 2.01
C ILE A 458 -31.92 -0.99 2.44
N ASN A 459 -32.35 -0.13 3.38
CA ASN A 459 -33.74 -0.07 3.91
C ASN A 459 -34.44 -1.43 4.08
N GLY A 460 -33.74 -2.36 4.74
CA GLY A 460 -34.32 -3.65 5.07
C GLY A 460 -34.38 -4.67 3.95
N ASN A 461 -33.69 -4.42 2.84
CA ASN A 461 -33.58 -5.40 1.76
C ASN A 461 -32.19 -5.41 1.15
N CYS A 462 -31.94 -6.34 0.23
CA CYS A 462 -30.63 -6.49 -0.42
C CYS A 462 -30.77 -6.10 -1.88
N THR A 463 -29.70 -5.55 -2.47
CA THR A 463 -29.73 -5.25 -3.89
C THR A 463 -29.13 -6.38 -4.72
N GLY A 464 -28.50 -7.37 -4.09
CA GLY A 464 -27.88 -8.47 -4.81
C GLY A 464 -28.39 -9.81 -4.30
N ILE A 465 -27.49 -10.76 -4.19
CA ILE A 465 -27.82 -12.11 -3.69
C ILE A 465 -28.16 -12.07 -2.20
N LYS A 466 -29.14 -12.89 -1.79
CA LYS A 466 -29.45 -13.11 -0.39
C LYS A 466 -29.08 -14.51 0.00
N ILE A 467 -28.47 -14.64 1.19
CA ILE A 467 -28.09 -15.94 1.76
C ILE A 467 -28.94 -16.19 3.00
N TYR A 468 -29.44 -17.42 3.13
CA TYR A 468 -30.34 -17.76 4.22
C TYR A 468 -29.65 -18.73 5.18
N VAL A 469 -29.30 -18.22 6.35
CA VAL A 469 -28.68 -19.01 7.42
C VAL A 469 -29.75 -19.57 8.35
N SER A 470 -29.80 -20.89 8.51
CA SER A 470 -30.79 -21.51 9.38
C SER A 470 -30.35 -21.52 10.85
N ASP A 471 -31.21 -22.04 11.70
CA ASP A 471 -30.99 -22.12 13.14
C ASP A 471 -29.70 -22.83 13.57
N ASP A 472 -29.21 -23.75 12.74
CA ASP A 472 -27.98 -24.46 13.04
C ASP A 472 -26.74 -23.82 12.43
N GLY A 473 -26.86 -22.62 11.86
CA GLY A 473 -25.70 -21.93 11.26
C GLY A 473 -25.40 -22.30 9.82
N LYS A 474 -26.17 -23.24 9.26
CA LYS A 474 -25.89 -23.68 7.87
C LYS A 474 -26.61 -22.86 6.82
N ALA A 475 -25.95 -22.68 5.68
CA ALA A 475 -26.54 -21.99 4.53
C ALA A 475 -26.08 -22.61 3.22
N HIS A 476 -26.96 -22.58 2.20
CA HIS A 476 -26.59 -23.03 0.86
C HIS A 476 -25.97 -21.91 0.03
N PHE A 477 -24.88 -22.25 -0.66
CA PHE A 477 -24.19 -21.34 -1.57
C PHE A 477 -24.10 -21.95 -2.96
N SER A 478 -24.32 -21.13 -3.99
CA SER A 478 -24.25 -21.63 -5.36
C SER A 478 -23.48 -20.59 -6.16
N ILE A 479 -22.28 -20.96 -6.61
CA ILE A 479 -21.43 -20.06 -7.41
C ILE A 479 -20.97 -20.76 -8.68
N SER A 480 -21.40 -20.24 -9.83
CA SER A 480 -21.02 -20.79 -11.12
C SER A 480 -19.58 -20.46 -11.38
N ASN A 481 -18.85 -21.36 -12.03
CA ASN A 481 -17.48 -21.06 -12.45
C ASN A 481 -17.41 -19.94 -13.48
N SER A 482 -18.54 -19.64 -14.11
CA SER A 482 -18.54 -18.54 -15.07
C SER A 482 -19.03 -17.24 -14.44
N ALA A 483 -19.16 -17.23 -13.11
CA ALA A 483 -19.52 -15.99 -12.40
C ALA A 483 -18.46 -14.92 -12.64
N GLU A 484 -18.92 -13.70 -12.88
CA GLU A 484 -18.03 -12.56 -13.04
C GLU A 484 -17.26 -12.27 -11.74
N ASP A 485 -17.97 -12.39 -10.62
CA ASP A 485 -17.33 -12.38 -9.29
C ASP A 485 -17.61 -13.71 -8.59
N PRO A 486 -16.66 -14.67 -8.71
CA PRO A 486 -17.01 -15.98 -8.17
C PRO A 486 -16.70 -16.15 -6.67
N PHE A 487 -17.14 -15.17 -5.87
CA PHE A 487 -17.09 -15.29 -4.41
C PHE A 487 -18.24 -14.55 -3.76
N ILE A 488 -18.58 -14.99 -2.55
CA ILE A 488 -19.72 -14.45 -1.78
C ILE A 488 -19.26 -14.19 -0.33
N ALA A 489 -19.65 -13.06 0.23
CA ALA A 489 -19.26 -12.71 1.60
C ALA A 489 -20.47 -12.13 2.33
N ILE A 490 -20.69 -12.61 3.54
CA ILE A 490 -21.79 -12.14 4.42
C ILE A 490 -21.22 -11.82 5.81
N HIS A 491 -21.81 -10.85 6.50
CA HIS A 491 -21.32 -10.50 7.87
C HIS A 491 -22.41 -9.92 8.76
N ALA A 492 -22.08 -9.72 10.03
CA ALA A 492 -23.04 -9.20 11.04
C ALA A 492 -23.80 -7.96 10.60
N GLU A 493 -23.13 -7.05 9.89
CA GLU A 493 -23.77 -5.81 9.48
C GLU A 493 -24.47 -5.90 8.11
N SER A 494 -24.46 -7.08 7.49
CA SER A 494 -25.19 -7.28 6.23
C SER A 494 -26.46 -8.11 6.46
N LYS A 495 -26.72 -8.46 7.72
CA LYS A 495 -27.92 -9.20 8.12
C LYS A 495 -29.17 -8.32 8.05
N LEU A 496 -30.24 -8.83 7.49
CA LEU A 496 -31.51 -8.11 7.45
C LEU A 496 -32.25 -8.15 8.79
C1 GLC B . 11.81 4.17 -8.34
C2 GLC B . 11.83 3.41 -9.68
C3 GLC B . 13.21 3.47 -10.33
C4 GLC B . 13.69 4.93 -10.40
C5 GLC B . 13.64 5.50 -8.96
C6 GLC B . 14.15 6.92 -8.80
O2 GLC B . 11.47 2.05 -9.46
O3 GLC B . 13.21 2.87 -11.62
O4 GLC B . 15.03 4.96 -10.89
O5 GLC B . 12.30 5.49 -8.50
O6 GLC B . 13.53 7.73 -9.76
C1 AGL B . 15.19 5.85 -12.01
C2 AGL B . 15.47 5.12 -13.32
C3 AGL B . 16.86 4.48 -13.30
C4 AGL B . 17.94 5.53 -12.95
C5 AGL B . 17.56 6.25 -11.65
C6 AGL B . 18.49 7.41 -11.34
O2 AGL B . 14.45 4.15 -13.51
O3 AGL B . 17.14 3.90 -14.56
N4 AGL B . 19.25 4.89 -12.84
O5 AGL B . 16.23 6.79 -11.75
C1 GLC C . 15.84 -7.31 -6.18
C2 GLC C . 16.30 -6.75 -4.83
C3 GLC C . 15.50 -5.51 -4.44
C4 GLC C . 15.52 -4.49 -5.58
C5 GLC C . 15.06 -5.18 -6.87
C6 GLC C . 14.99 -4.29 -8.11
O1 GLC C . 14.50 -7.76 -6.07
O2 GLC C . 16.16 -7.77 -3.85
O3 GLC C . 15.97 -4.97 -3.21
O4 GLC C . 14.64 -3.42 -5.24
O5 GLC C . 15.90 -6.30 -7.17
O6 GLC C . 16.27 -3.76 -8.35
C1 AGL C . 15.21 -2.10 -5.32
C2 AGL C . 15.14 -1.44 -3.93
C3 AGL C . 13.71 -1.00 -3.56
C4 AGL C . 13.07 -0.19 -4.70
C5 AGL C . 13.10 -1.06 -5.96
C6 AGL C . 12.39 -0.38 -7.15
O2 AGL C . 15.63 -2.33 -2.92
O3 AGL C . 13.78 -0.20 -2.39
N4 AGL C . 11.75 0.38 -4.32
O5 AGL C . 14.50 -1.31 -6.29
CA CA D . 22.07 4.07 1.77
CL CL E . 5.62 -0.55 -0.50
C1 HMC F . 11.62 1.64 -3.97
C2 HMC F . 10.40 2.48 -4.33
O2 HMC F . 9.17 1.81 -4.07
C3 HMC F . 10.56 2.79 -5.82
O3 HMC F . 9.35 3.26 -6.44
C4 HMC F . 11.70 3.79 -5.95
O4 HMC F . 12.32 3.63 -7.23
C5 HMC F . 12.79 3.63 -4.91
C6 HMC F . 12.76 2.66 -3.98
C7 HMC F . 13.94 4.61 -4.93
O7 HMC F . 13.50 5.73 -4.14
#